data_7C48
#
_entry.id   7C48
#
_cell.length_a   94.420
_cell.length_b   94.420
_cell.length_c   61.910
_cell.angle_alpha   90.00
_cell.angle_beta   90.00
_cell.angle_gamma   120.00
#
_symmetry.space_group_name_H-M   'P 32 2 1'
#
loop_
_entity.id
_entity.type
_entity.pdbx_description
1 polymer 'Rv1045 toxin'
2 non-polymer 'SULFATE ION'
3 water water
#
_entity_poly.entity_id   1
_entity_poly.type   'polypeptide(L)'
_entity_poly.pdbx_seq_one_letter_code
;VTKPYSSPPTNLRSLRDRLTQVAERQGVVFGRLQRHVAMIVVAQFAATLTDDTGAPLLLVKGGSSLELRRGIPDSRT
(SEP)KDFDTVARRDIELIHEQLADAGETGWEGFTAIFTAPEEIDVPGMPVKPRRFTAKLSYRGRAFATVPIEVSSVEAG
NADQFDTLTSDALGLVGVPAAVAVPCMTIPWQIAQKLHAVTAVLEEPKVNDRAHDLVDLQLLEGLLLDADLMPTRSACIA
IFEARAQHPWPPRVATLPHWPLIYAGALEGLDHLELARTVDAAAQAVQRFVARIDRATKR
;
_entity_poly.pdbx_strand_id   A
#
loop_
_chem_comp.id
_chem_comp.type
_chem_comp.name
_chem_comp.formula
SO4 non-polymer 'SULFATE ION' 'O4 S -2'
#
# COMPACT_ATOMS: atom_id res chain seq x y z
N PRO A 4 2.21 -27.77 8.95
CA PRO A 4 3.22 -26.82 8.52
C PRO A 4 4.62 -27.42 8.57
N TYR A 5 5.64 -26.60 8.31
CA TYR A 5 7.03 -27.03 8.39
C TYR A 5 7.50 -26.83 9.83
N SER A 6 8.48 -27.62 10.27
CA SER A 6 8.91 -27.57 11.68
C SER A 6 10.18 -26.74 11.91
N SER A 7 10.88 -26.40 10.83
CA SER A 7 12.05 -25.53 10.91
C SER A 7 12.02 -24.57 9.73
N PRO A 8 12.76 -23.46 9.82
CA PRO A 8 12.76 -22.53 8.69
C PRO A 8 13.54 -23.06 7.50
N PRO A 9 13.32 -22.47 6.31
CA PRO A 9 14.05 -22.96 5.13
C PRO A 9 15.56 -22.81 5.29
N THR A 10 16.31 -23.85 4.91
CA THR A 10 17.75 -23.85 5.11
C THR A 10 18.47 -22.90 4.17
N ASN A 11 17.85 -22.59 3.04
CA ASN A 11 18.47 -21.74 2.04
C ASN A 11 17.44 -21.24 1.02
N LEU A 12 17.91 -20.43 0.08
CA LEU A 12 17.05 -19.87 -0.96
C LEU A 12 16.26 -20.94 -1.71
N ARG A 13 16.93 -22.01 -2.12
CA ARG A 13 16.27 -23.04 -2.91
C ARG A 13 15.09 -23.64 -2.13
N SER A 14 15.29 -23.90 -0.84
CA SER A 14 14.24 -24.41 0.04
C SER A 14 13.10 -23.43 0.17
N LEU A 15 13.43 -22.16 0.39
CA LEU A 15 12.41 -21.13 0.50
C LEU A 15 11.55 -21.16 -0.74
N ARG A 16 12.18 -21.14 -1.91
CA ARG A 16 11.43 -21.15 -3.17
C ARG A 16 10.61 -22.41 -3.33
N ASP A 17 11.19 -23.55 -2.98
CA ASP A 17 10.45 -24.82 -3.03
C ASP A 17 9.20 -24.78 -2.17
N ARG A 18 9.29 -24.21 -0.97
CA ARG A 18 8.15 -24.15 -0.08
C ARG A 18 7.11 -23.18 -0.62
N LEU A 19 7.57 -22.08 -1.22
CA LEU A 19 6.66 -21.16 -1.86
C LEU A 19 5.93 -21.81 -3.02
N THR A 20 6.64 -22.66 -3.78
CA THR A 20 6.04 -23.39 -4.90
C THR A 20 4.92 -24.28 -4.37
N GLN A 21 5.12 -24.84 -3.17
CA GLN A 21 4.13 -25.73 -2.55
C GLN A 21 2.93 -24.97 -2.01
N VAL A 22 3.18 -23.84 -1.38
CA VAL A 22 2.11 -23.02 -0.80
C VAL A 22 1.22 -22.41 -1.91
N ALA A 23 1.84 -21.97 -3.00
CA ALA A 23 1.10 -21.40 -4.12
C ALA A 23 0.16 -22.43 -4.72
N GLU A 24 0.65 -23.67 -4.85
CA GLU A 24 -0.16 -24.80 -5.34
C GLU A 24 -1.38 -25.03 -4.45
N ARG A 25 -1.16 -25.11 -3.14
CA ARG A 25 -2.25 -25.33 -2.19
C ARG A 25 -3.24 -24.17 -2.22
N GLN A 26 -2.72 -22.93 -2.17
CA GLN A 26 -3.58 -21.75 -2.07
C GLN A 26 -4.25 -21.35 -3.39
N GLY A 27 -3.82 -21.93 -4.52
CA GLY A 27 -4.41 -21.61 -5.82
C GLY A 27 -3.94 -20.26 -6.34
N VAL A 28 -2.77 -19.84 -5.87
CA VAL A 28 -2.17 -18.55 -6.21
C VAL A 28 -1.03 -18.80 -7.21
N VAL A 29 -0.75 -17.80 -8.04
CA VAL A 29 0.44 -17.88 -8.92
C VAL A 29 1.74 -17.63 -8.12
N PHE A 30 2.70 -18.55 -8.33
CA PHE A 30 4.00 -18.47 -7.64
C PHE A 30 4.51 -17.04 -7.52
N GLY A 31 4.47 -16.28 -8.61
CA GLY A 31 4.96 -14.88 -8.59
C GLY A 31 4.24 -13.96 -7.60
N ARG A 32 2.89 -14.13 -7.53
CA ARG A 32 2.05 -13.33 -6.63
C ARG A 32 2.46 -13.61 -5.20
N LEU A 33 2.64 -14.90 -4.88
CA LEU A 33 2.97 -15.27 -3.51
C LEU A 33 4.38 -14.84 -3.12
N GLN A 34 5.35 -15.05 -4.02
CA GLN A 34 6.71 -14.63 -3.80
C GLN A 34 6.72 -13.11 -3.60
N ARG A 35 6.01 -12.37 -4.46
CA ARG A 35 5.90 -10.89 -4.28
C ARG A 35 5.35 -10.49 -2.90
N HIS A 36 4.28 -11.14 -2.47
CA HIS A 36 3.65 -10.84 -1.19
C HIS A 36 4.63 -11.10 -0.04
N VAL A 37 5.30 -12.24 -0.08
CA VAL A 37 6.28 -12.55 0.97
C VAL A 37 7.41 -11.50 0.98
N ALA A 38 7.91 -11.14 -0.19
CA ALA A 38 8.97 -10.13 -0.29
C ALA A 38 8.48 -8.79 0.31
N MET A 39 7.25 -8.40 -0.03
CA MET A 39 6.69 -7.17 0.53
C MET A 39 6.61 -7.22 2.06
N ILE A 40 6.19 -8.36 2.60
CA ILE A 40 6.02 -8.52 4.03
C ILE A 40 7.38 -8.45 4.74
N VAL A 41 8.42 -8.96 4.10
CA VAL A 41 9.77 -8.87 4.67
C VAL A 41 10.21 -7.41 4.76
N VAL A 42 9.99 -6.67 3.67
CA VAL A 42 10.30 -5.24 3.67
C VAL A 42 9.45 -4.52 4.74
N ALA A 43 8.17 -4.89 4.83
CA ALA A 43 7.28 -4.31 5.85
C ALA A 43 7.78 -4.58 7.27
N GLN A 44 8.35 -5.75 7.52
CA GLN A 44 8.95 -6.06 8.81
C GLN A 44 10.13 -5.12 9.12
N PHE A 45 10.97 -4.89 8.13
CA PHE A 45 12.04 -3.89 8.29
C PHE A 45 11.46 -2.50 8.57
N ALA A 46 10.45 -2.12 7.81
CA ALA A 46 9.81 -0.81 8.04
C ALA A 46 9.25 -0.68 9.46
N ALA A 47 8.71 -1.77 10.00
CA ALA A 47 8.09 -1.78 11.31
C ALA A 47 9.11 -1.68 12.45
N THR A 48 10.39 -1.94 12.17
CA THR A 48 11.45 -1.74 13.18
C THR A 48 11.84 -0.26 13.35
N LEU A 49 11.44 0.60 12.41
CA LEU A 49 11.75 2.02 12.51
C LEU A 49 10.78 2.71 13.44
N THR A 50 11.26 3.15 14.60
CA THR A 50 10.40 3.80 15.57
C THR A 50 11.07 5.04 16.10
N ASP A 51 10.28 5.97 16.62
CA ASP A 51 10.82 7.11 17.36
C ASP A 51 11.23 6.68 18.77
N ASP A 52 11.68 7.60 19.61
CA ASP A 52 12.13 7.23 20.95
C ASP A 52 11.02 6.87 21.93
N THR A 53 9.74 6.93 21.50
CA THR A 53 8.65 6.45 22.32
C THR A 53 8.16 5.09 21.82
N GLY A 54 8.73 4.61 20.73
CA GLY A 54 8.34 3.30 20.16
C GLY A 54 7.28 3.42 19.10
N ALA A 55 6.92 4.64 18.71
CA ALA A 55 5.85 4.82 17.70
C ALA A 55 6.44 4.67 16.31
N PRO A 56 5.64 4.15 15.34
CA PRO A 56 6.18 3.96 13.99
C PRO A 56 6.67 5.25 13.32
N LEU A 57 7.81 5.17 12.63
CA LEU A 57 8.26 6.26 11.75
C LEU A 57 7.69 6.13 10.35
N LEU A 58 7.26 4.92 9.97
CA LEU A 58 6.87 4.62 8.59
C LEU A 58 5.57 3.85 8.59
N LEU A 59 4.56 4.38 7.90
CA LEU A 59 3.26 3.72 7.80
C LEU A 59 3.02 3.27 6.38
N VAL A 60 2.49 2.06 6.23
CA VAL A 60 2.18 1.49 4.93
C VAL A 60 0.85 2.06 4.43
N LYS A 61 0.78 2.32 3.12
CA LYS A 61 -0.46 2.78 2.48
C LYS A 61 -0.61 2.10 1.13
N GLY A 62 -1.57 2.57 0.34
CA GLY A 62 -1.76 2.08 -1.03
C GLY A 62 -2.16 0.61 -1.10
N GLY A 63 -1.71 -0.05 -2.15
CA GLY A 63 -2.07 -1.44 -2.41
C GLY A 63 -1.59 -2.45 -1.41
N SER A 64 -0.38 -2.25 -0.88
CA SER A 64 0.18 -3.18 0.11
C SER A 64 -0.67 -3.17 1.37
N SER A 65 -1.13 -1.99 1.77
CA SER A 65 -2.02 -1.86 2.90
C SER A 65 -3.32 -2.63 2.65
N LEU A 66 -3.93 -2.44 1.48
CA LEU A 66 -5.17 -3.12 1.18
C LEU A 66 -4.99 -4.63 1.16
N GLU A 67 -3.86 -5.10 0.64
CA GLU A 67 -3.54 -6.53 0.64
C GLU A 67 -3.43 -7.07 2.08
N LEU A 68 -2.86 -6.29 2.99
CA LEU A 68 -2.82 -6.67 4.39
C LEU A 68 -4.19 -6.62 5.09
N ARG A 69 -5.06 -5.66 4.73
CA ARG A 69 -6.36 -5.52 5.39
C ARG A 69 -7.32 -6.64 5.01
N ARG A 70 -7.26 -7.04 3.74
CA ARG A 70 -8.31 -7.86 3.14
C ARG A 70 -7.86 -9.31 2.84
N GLY A 71 -6.55 -9.52 2.83
CA GLY A 71 -5.99 -10.80 2.39
C GLY A 71 -5.74 -10.78 0.89
N ILE A 72 -4.94 -11.74 0.41
CA ILE A 72 -4.56 -11.84 -1.01
C ILE A 72 -5.76 -12.05 -1.95
N PRO A 73 -6.65 -13.01 -1.61
CA PRO A 73 -7.75 -13.31 -2.53
C PRO A 73 -8.75 -12.16 -2.73
N ASP A 74 -8.91 -11.29 -1.73
CA ASP A 74 -9.92 -10.23 -1.75
C ASP A 74 -9.33 -8.83 -1.91
N SER A 75 -8.12 -8.76 -2.48
CA SER A 75 -7.45 -7.49 -2.74
C SER A 75 -6.80 -7.48 -4.12
N ARG A 76 -6.71 -6.27 -4.68
CA ARG A 76 -6.11 -6.03 -5.98
C ARG A 76 -4.62 -6.35 -5.91
N THR A 77 -4.07 -6.92 -6.95
CA THR A 77 -2.65 -7.23 -6.98
C THR A 77 -1.88 -5.95 -7.28
N SEP A 78 -0.88 -5.63 -6.46
CA SEP A 78 -0.07 -4.43 -6.66
CB SEP A 78 -0.55 -3.26 -5.81
OG SEP A 78 0.34 -2.15 -6.05
C SEP A 78 1.40 -4.70 -6.42
O SEP A 78 1.72 -5.53 -5.56
P SEP A 78 -0.21 -0.72 -6.54
O1P SEP A 78 -1.04 -0.23 -5.39
O2P SEP A 78 1.06 0.05 -6.79
O3P SEP A 78 -0.98 -1.00 -7.79
N LYS A 79 2.28 -4.03 -7.17
CA LYS A 79 3.72 -4.26 -7.03
C LYS A 79 4.51 -3.32 -6.11
N ASP A 80 4.01 -2.12 -5.84
CA ASP A 80 4.75 -1.16 -5.02
C ASP A 80 4.48 -1.29 -3.53
N PHE A 81 5.52 -1.00 -2.76
CA PHE A 81 5.40 -0.83 -1.32
C PHE A 81 5.45 0.67 -1.04
N ASP A 82 4.27 1.25 -0.80
CA ASP A 82 4.03 2.69 -0.65
C ASP A 82 3.93 3.00 0.83
N THR A 83 4.57 4.08 1.26
CA THR A 83 4.58 4.44 2.66
C THR A 83 4.53 5.95 2.86
N VAL A 84 4.13 6.36 4.07
CA VAL A 84 4.30 7.74 4.53
C VAL A 84 5.29 7.75 5.70
N ALA A 85 6.22 8.71 5.68
CA ALA A 85 7.30 8.77 6.67
C ALA A 85 7.21 10.00 7.53
N ARG A 86 7.51 9.85 8.81
CA ARG A 86 7.49 10.97 9.76
C ARG A 86 8.87 11.68 9.91
N ARG A 87 9.82 11.30 9.06
CA ARG A 87 11.18 11.86 9.06
C ARG A 87 11.68 12.05 7.62
N ASP A 88 12.72 12.86 7.48
CA ASP A 88 13.40 13.09 6.19
C ASP A 88 13.78 11.78 5.53
N ILE A 89 13.76 11.79 4.21
CA ILE A 89 14.09 10.58 3.44
C ILE A 89 15.48 10.01 3.74
N GLU A 90 16.46 10.87 4.01
CA GLU A 90 17.82 10.36 4.22
C GLU A 90 17.87 9.51 5.48
N LEU A 91 17.14 9.95 6.51
CA LEU A 91 17.05 9.24 7.78
C LEU A 91 16.31 7.94 7.61
N ILE A 92 15.15 7.99 6.94
CA ILE A 92 14.36 6.79 6.73
C ILE A 92 15.16 5.75 5.97
N HIS A 93 15.79 6.19 4.88
CA HIS A 93 16.58 5.30 4.04
C HIS A 93 17.72 4.68 4.84
N GLU A 94 18.42 5.52 5.61
CA GLU A 94 19.54 5.05 6.40
C GLU A 94 19.10 3.98 7.41
N GLN A 95 17.98 4.22 8.10
CA GLN A 95 17.49 3.27 9.10
C GLN A 95 17.01 1.99 8.46
N LEU A 96 16.37 2.10 7.29
CA LEU A 96 16.02 0.89 6.51
C LEU A 96 17.28 0.11 6.16
N ALA A 97 18.31 0.81 5.71
CA ALA A 97 19.58 0.17 5.34
C ALA A 97 20.21 -0.53 6.55
N ASP A 98 20.17 0.12 7.71
CA ASP A 98 20.71 -0.48 8.94
C ASP A 98 19.95 -1.75 9.30
N ALA A 99 18.63 -1.69 9.25
CA ALA A 99 17.77 -2.83 9.58
C ALA A 99 18.01 -3.96 8.59
N GLY A 100 18.13 -3.62 7.31
CA GLY A 100 18.36 -4.62 6.27
C GLY A 100 19.69 -5.34 6.38
N GLU A 101 20.72 -4.64 6.87
CA GLU A 101 22.03 -5.24 7.07
C GLU A 101 22.03 -6.16 8.30
N THR A 102 21.36 -5.73 9.36
CA THR A 102 21.16 -6.56 10.55
C THR A 102 20.37 -7.83 10.23
N GLY A 103 19.32 -7.69 9.42
CA GLY A 103 18.52 -8.81 8.97
C GLY A 103 17.37 -9.16 9.89
N TRP A 104 16.49 -10.02 9.37
CA TRP A 104 15.32 -10.51 10.07
C TRP A 104 15.03 -11.93 9.62
N GLU A 105 15.12 -12.90 10.53
CA GLU A 105 14.74 -14.29 10.24
C GLU A 105 15.43 -14.83 8.98
N GLY A 106 16.69 -14.45 8.78
CA GLY A 106 17.46 -14.94 7.63
C GLY A 106 17.45 -14.02 6.43
N PHE A 107 16.52 -13.06 6.40
CA PHE A 107 16.42 -12.12 5.28
C PHE A 107 17.27 -10.90 5.52
N THR A 108 17.99 -10.48 4.49
CA THR A 108 18.66 -9.20 4.48
C THR A 108 18.24 -8.39 3.28
N ALA A 109 18.58 -7.11 3.30
CA ALA A 109 18.17 -6.22 2.22
C ALA A 109 19.15 -5.09 2.10
N ILE A 110 19.39 -4.67 0.87
CA ILE A 110 20.05 -3.41 0.58
C ILE A 110 19.06 -2.54 -0.16
N PHE A 111 19.23 -1.23 -0.01
CA PHE A 111 18.29 -0.26 -0.53
C PHE A 111 18.96 0.73 -1.49
N THR A 112 18.39 0.88 -2.69
CA THR A 112 18.98 1.74 -3.70
C THR A 112 18.74 3.23 -3.39
N ALA A 113 19.28 4.12 -4.22
CA ALA A 113 19.22 5.57 -3.99
C ALA A 113 17.81 6.12 -4.15
N PRO A 114 17.30 6.85 -3.14
CA PRO A 114 16.00 7.50 -3.30
C PRO A 114 16.01 8.53 -4.42
N GLU A 115 15.03 8.44 -5.32
CA GLU A 115 14.93 9.34 -6.46
C GLU A 115 13.60 10.09 -6.36
N GLU A 116 13.63 11.38 -6.66
CA GLU A 116 12.45 12.23 -6.49
C GLU A 116 11.39 11.93 -7.53
N ILE A 117 10.13 12.01 -7.10
CA ILE A 117 8.96 11.86 -7.99
C ILE A 117 8.31 13.23 -8.11
N ASP A 118 8.07 13.66 -9.35
CA ASP A 118 7.47 14.97 -9.63
C ASP A 118 5.97 14.97 -9.33
N VAL A 119 5.62 15.38 -8.10
CA VAL A 119 4.23 15.46 -7.66
C VAL A 119 3.92 16.89 -7.20
N PRO A 120 2.82 17.48 -7.71
CA PRO A 120 2.43 18.83 -7.27
C PRO A 120 1.69 18.85 -5.93
N GLY A 121 1.73 19.99 -5.26
CA GLY A 121 0.97 20.19 -4.02
C GLY A 121 1.67 19.71 -2.76
N MET A 122 2.91 19.27 -2.89
CA MET A 122 3.72 18.78 -1.77
C MET A 122 4.99 19.62 -1.68
N PRO A 123 5.18 20.35 -0.59
CA PRO A 123 6.44 21.10 -0.40
C PRO A 123 7.68 20.19 -0.51
N VAL A 124 7.58 18.99 0.06
CA VAL A 124 8.65 17.99 -0.06
C VAL A 124 8.10 16.78 -0.83
N LYS A 125 8.65 16.54 -2.01
CA LYS A 125 8.14 15.52 -2.92
C LYS A 125 8.50 14.08 -2.48
N PRO A 126 7.70 13.10 -2.94
CA PRO A 126 7.98 11.70 -2.56
C PRO A 126 9.23 11.16 -3.24
N ARG A 127 9.77 10.06 -2.72
CA ARG A 127 10.95 9.44 -3.27
C ARG A 127 10.71 7.94 -3.52
N ARG A 128 11.32 7.44 -4.59
CA ARG A 128 11.24 6.04 -4.97
C ARG A 128 12.61 5.40 -4.90
N PHE A 129 12.66 4.16 -4.45
CA PHE A 129 13.85 3.34 -4.54
C PHE A 129 13.45 1.86 -4.49
N THR A 130 14.44 0.98 -4.44
CA THR A 130 14.19 -0.45 -4.46
C THR A 130 14.91 -1.14 -3.32
N ALA A 131 14.23 -2.12 -2.72
CA ALA A 131 14.87 -3.06 -1.81
C ALA A 131 15.26 -4.32 -2.58
N LYS A 132 16.53 -4.71 -2.44
CA LYS A 132 17.01 -5.95 -3.01
C LYS A 132 17.18 -6.92 -1.85
N LEU A 133 16.27 -7.88 -1.77
CA LEU A 133 16.27 -8.84 -0.67
C LEU A 133 17.09 -10.09 -0.96
N SER A 134 17.69 -10.63 0.09
CA SER A 134 18.38 -11.92 0.05
C SER A 134 17.87 -12.80 1.19
N TYR A 135 17.97 -14.10 1.02
CA TYR A 135 17.67 -15.03 2.10
C TYR A 135 18.91 -15.87 2.34
N ARG A 136 19.39 -15.82 3.59
CA ARG A 136 20.64 -16.45 4.00
C ARG A 136 21.76 -16.20 2.98
N GLY A 137 21.86 -14.95 2.55
CA GLY A 137 23.00 -14.49 1.76
C GLY A 137 22.84 -14.55 0.25
N ARG A 138 21.74 -15.15 -0.20
CA ARG A 138 21.50 -15.33 -1.62
C ARG A 138 20.28 -14.52 -2.11
N ALA A 139 20.43 -13.87 -3.25
CA ALA A 139 19.43 -12.95 -3.77
C ALA A 139 18.05 -13.60 -3.93
N PHE A 140 17.00 -12.92 -3.48
CA PHE A 140 15.65 -13.50 -3.43
C PHE A 140 14.64 -12.75 -4.30
N ALA A 141 14.53 -11.44 -4.07
CA ALA A 141 13.51 -10.64 -4.74
C ALA A 141 13.84 -9.19 -4.61
N THR A 142 13.28 -8.39 -5.49
CA THR A 142 13.36 -6.94 -5.37
C THR A 142 11.96 -6.36 -5.17
N VAL A 143 11.87 -5.33 -4.33
CA VAL A 143 10.61 -4.66 -4.04
C VAL A 143 10.74 -3.17 -4.29
N PRO A 144 9.88 -2.60 -5.15
CA PRO A 144 9.93 -1.15 -5.31
C PRO A 144 9.26 -0.48 -4.12
N ILE A 145 9.86 0.62 -3.64
CA ILE A 145 9.37 1.32 -2.47
C ILE A 145 9.13 2.78 -2.84
N GLU A 146 8.06 3.37 -2.33
CA GLU A 146 7.83 4.80 -2.44
C GLU A 146 7.60 5.34 -1.04
N VAL A 147 8.17 6.51 -0.76
CA VAL A 147 8.02 7.15 0.54
C VAL A 147 7.57 8.59 0.35
N SER A 148 6.40 8.93 0.90
CA SER A 148 5.88 10.30 0.89
C SER A 148 6.09 10.91 2.26
N SER A 149 6.21 12.23 2.32
CA SER A 149 6.21 12.92 3.59
C SER A 149 4.79 13.00 4.16
N VAL A 150 4.70 13.21 5.46
CA VAL A 150 3.43 13.44 6.15
C VAL A 150 2.67 14.64 5.58
N GLU A 151 1.36 14.49 5.54
CA GLU A 151 0.46 15.58 5.17
C GLU A 151 -0.60 15.67 6.24
N ALA A 152 -0.73 16.85 6.85
CA ALA A 152 -1.73 17.07 7.87
C ALA A 152 -1.64 15.96 8.93
N GLY A 153 -2.78 15.39 9.33
CA GLY A 153 -2.80 14.37 10.39
C GLY A 153 -2.72 12.93 9.94
N ASN A 154 -2.18 12.69 8.74
CA ASN A 154 -2.22 11.35 8.17
C ASN A 154 -1.25 10.35 8.79
N ALA A 155 -0.43 10.81 9.74
CA ALA A 155 0.39 9.90 10.54
C ALA A 155 0.20 10.08 12.05
N ASP A 156 -0.88 10.75 12.45
CA ASP A 156 -1.21 10.93 13.87
C ASP A 156 -1.67 9.64 14.55
N GLN A 157 -2.08 8.67 13.74
CA GLN A 157 -2.63 7.41 14.21
C GLN A 157 -2.33 6.34 13.18
N PHE A 158 -2.53 5.09 13.55
CA PHE A 158 -2.30 3.99 12.62
C PHE A 158 -3.06 2.73 13.02
N ASP A 159 -3.39 1.94 12.02
CA ASP A 159 -3.90 0.59 12.24
C ASP A 159 -2.73 -0.37 12.11
N THR A 160 -2.88 -1.57 12.68
CA THR A 160 -1.86 -2.59 12.57
C THR A 160 -2.43 -3.86 11.98
N LEU A 161 -1.83 -4.31 10.89
CA LEU A 161 -2.31 -5.46 10.14
C LEU A 161 -1.26 -6.56 10.17
N THR A 162 -1.74 -7.79 10.24
CA THR A 162 -0.84 -8.93 10.43
C THR A 162 -0.96 -9.84 9.21
N SER A 163 0.14 -10.53 8.88
CA SER A 163 0.13 -11.59 7.86
C SER A 163 0.72 -12.86 8.42
N ASP A 164 0.18 -13.99 7.97
CA ASP A 164 0.67 -15.31 8.35
C ASP A 164 1.50 -15.95 7.23
N ALA A 165 1.82 -15.21 6.18
CA ALA A 165 2.44 -15.80 4.99
C ALA A 165 3.82 -16.39 5.26
N LEU A 166 4.62 -15.74 6.09
CA LEU A 166 5.93 -16.28 6.44
C LEU A 166 5.81 -17.56 7.28
N GLY A 167 4.78 -17.62 8.13
CA GLY A 167 4.48 -18.82 8.89
C GLY A 167 4.21 -20.03 8.01
N LEU A 168 3.59 -19.80 6.86
CA LEU A 168 3.28 -20.90 5.91
C LEU A 168 4.54 -21.56 5.31
N VAL A 169 5.65 -20.83 5.28
CA VAL A 169 6.92 -21.39 4.80
C VAL A 169 7.91 -21.73 5.91
N GLY A 170 7.46 -21.74 7.17
CA GLY A 170 8.28 -22.20 8.29
C GLY A 170 9.06 -21.12 9.02
N VAL A 171 8.71 -19.85 8.80
CA VAL A 171 9.34 -18.73 9.50
C VAL A 171 8.31 -18.19 10.50
N PRO A 172 8.50 -18.46 11.80
CA PRO A 172 7.44 -18.24 12.79
C PRO A 172 7.25 -16.81 13.29
N ALA A 173 8.23 -15.94 13.10
CA ALA A 173 8.16 -14.60 13.71
C ALA A 173 6.92 -13.83 13.25
N ALA A 174 6.20 -13.27 14.22
CA ALA A 174 4.96 -12.56 13.91
C ALA A 174 5.23 -11.39 12.97
N VAL A 175 4.27 -11.16 12.06
CA VAL A 175 4.30 -10.04 11.13
C VAL A 175 3.22 -9.07 11.56
N ALA A 176 3.56 -7.85 11.95
CA ALA A 176 2.57 -6.87 12.38
C ALA A 176 3.01 -5.54 11.82
N VAL A 177 2.18 -4.96 10.93
CA VAL A 177 2.62 -3.85 10.08
C VAL A 177 1.77 -2.60 10.35
N PRO A 178 2.40 -1.48 10.72
CA PRO A 178 1.63 -0.25 10.94
C PRO A 178 1.23 0.39 9.62
N CYS A 179 -0.06 0.76 9.51
CA CYS A 179 -0.66 1.23 8.27
C CYS A 179 -1.43 2.53 8.49
N MET A 180 -1.41 3.41 7.48
CA MET A 180 -2.22 4.61 7.48
C MET A 180 -3.69 4.21 7.62
N THR A 181 -4.46 4.98 8.36
CA THR A 181 -5.84 4.59 8.64
C THR A 181 -6.72 4.84 7.42
N ILE A 182 -7.87 4.20 7.41
CA ILE A 182 -8.75 4.21 6.22
C ILE A 182 -9.20 5.64 5.85
N PRO A 183 -9.59 6.47 6.82
CA PRO A 183 -9.96 7.84 6.47
C PRO A 183 -8.90 8.57 5.62
N TRP A 184 -7.63 8.43 5.97
CA TRP A 184 -6.57 9.07 5.21
C TRP A 184 -6.28 8.36 3.88
N GLN A 185 -6.45 7.05 3.81
CA GLN A 185 -6.28 6.36 2.55
C GLN A 185 -7.36 6.81 1.56
N ILE A 186 -8.58 6.99 2.06
CA ILE A 186 -9.69 7.45 1.24
C ILE A 186 -9.38 8.85 0.72
N ALA A 187 -8.92 9.71 1.60
CA ALA A 187 -8.58 11.07 1.19
C ALA A 187 -7.52 11.12 0.10
N GLN A 188 -6.42 10.36 0.27
CA GLN A 188 -5.35 10.31 -0.71
C GLN A 188 -5.84 9.74 -2.04
N LYS A 189 -6.58 8.63 -1.99
CA LYS A 189 -7.01 7.98 -3.23
C LYS A 189 -8.06 8.81 -3.98
N LEU A 190 -8.95 9.46 -3.22
CA LEU A 190 -9.92 10.37 -3.87
C LEU A 190 -9.21 11.52 -4.56
N HIS A 191 -8.18 12.05 -3.91
CA HIS A 191 -7.44 13.14 -4.52
C HIS A 191 -6.73 12.67 -5.79
N ALA A 192 -6.08 11.52 -5.72
CA ALA A 192 -5.29 11.00 -6.83
C ALA A 192 -6.17 10.66 -8.04
N VAL A 193 -7.30 10.01 -7.80
CA VAL A 193 -8.14 9.54 -8.90
C VAL A 193 -8.89 10.68 -9.60
N THR A 194 -9.02 11.82 -8.91
CA THR A 194 -9.72 12.98 -9.49
C THR A 194 -8.76 14.09 -9.94
N ALA A 195 -7.45 13.86 -9.82
CA ALA A 195 -6.45 14.87 -10.23
C ALA A 195 -6.43 15.08 -11.76
N VAL A 196 -6.02 16.27 -12.19
CA VAL A 196 -5.78 16.52 -13.62
C VAL A 196 -4.28 16.64 -13.87
N LEU A 197 -3.72 15.72 -14.65
CA LEU A 197 -2.26 15.65 -14.84
C LEU A 197 -1.78 16.53 -15.99
N GLU A 198 -0.48 16.85 -15.97
CA GLU A 198 0.15 17.76 -16.92
C GLU A 198 0.44 17.10 -18.27
N GLU A 199 0.47 17.91 -19.34
CA GLU A 199 0.37 17.45 -20.75
C GLU A 199 1.09 16.15 -21.16
N PRO A 200 2.37 15.98 -20.77
CA PRO A 200 3.01 14.71 -21.11
C PRO A 200 2.32 13.52 -20.42
N LYS A 201 1.99 13.68 -19.14
CA LYS A 201 1.35 12.63 -18.34
C LYS A 201 -0.16 12.58 -18.59
N VAL A 202 -0.73 11.39 -18.47
CA VAL A 202 -2.18 11.19 -18.59
C VAL A 202 -2.64 10.32 -17.42
N ASN A 203 -3.65 10.80 -16.68
CA ASN A 203 -4.14 10.11 -15.48
C ASN A 203 -4.56 8.69 -15.85
N ASP A 204 -3.85 7.71 -15.31
CA ASP A 204 -4.02 6.30 -15.68
C ASP A 204 -4.61 5.47 -14.52
N ARG A 205 -5.04 6.17 -13.47
CA ARG A 205 -5.26 5.61 -12.15
C ARG A 205 -6.65 5.06 -11.96
N ALA A 206 -7.19 4.41 -12.98
CA ALA A 206 -8.49 3.78 -12.84
C ALA A 206 -8.51 2.75 -11.71
N HIS A 207 -7.37 2.13 -11.40
CA HIS A 207 -7.33 1.14 -10.31
C HIS A 207 -7.77 1.77 -8.98
N ASP A 208 -7.59 3.09 -8.81
CA ASP A 208 -8.02 3.71 -7.56
C ASP A 208 -9.53 3.62 -7.33
N LEU A 209 -10.30 3.47 -8.41
CA LEU A 209 -11.73 3.24 -8.28
C LEU A 209 -12.04 1.90 -7.65
N VAL A 210 -11.21 0.89 -7.92
CA VAL A 210 -11.36 -0.42 -7.24
C VAL A 210 -11.04 -0.23 -5.77
N ASP A 211 -9.88 0.37 -5.48
CA ASP A 211 -9.45 0.53 -4.10
C ASP A 211 -10.44 1.34 -3.27
N LEU A 212 -11.02 2.39 -3.87
CA LEU A 212 -11.98 3.20 -3.14
C LEU A 212 -13.25 2.43 -2.77
N GLN A 213 -13.71 1.53 -3.64
CA GLN A 213 -14.84 0.71 -3.29
C GLN A 213 -14.47 -0.30 -2.18
N LEU A 214 -13.25 -0.84 -2.20
CA LEU A 214 -12.85 -1.72 -1.16
C LEU A 214 -12.73 -0.97 0.16
N LEU A 215 -12.23 0.27 0.12
CA LEU A 215 -12.10 1.08 1.32
C LEU A 215 -13.48 1.45 1.87
N GLU A 216 -14.43 1.73 0.99
CA GLU A 216 -15.77 2.01 1.43
C GLU A 216 -16.35 0.81 2.17
N GLY A 217 -16.07 -0.39 1.68
CA GLY A 217 -16.52 -1.60 2.35
C GLY A 217 -15.94 -1.81 3.74
N LEU A 218 -14.67 -1.46 3.91
CA LEU A 218 -13.96 -1.62 5.18
C LEU A 218 -14.26 -0.49 6.18
N LEU A 219 -14.69 0.68 5.69
CA LEU A 219 -14.81 1.86 6.55
C LEU A 219 -15.95 1.71 7.54
N LEU A 220 -15.66 1.96 8.81
CA LEU A 220 -16.68 1.95 9.85
C LEU A 220 -17.55 3.19 9.74
N ASP A 221 -18.88 2.99 9.75
CA ASP A 221 -19.82 4.11 9.71
C ASP A 221 -19.47 5.24 10.69
N ALA A 222 -18.94 4.88 11.86
CA ALA A 222 -18.54 5.88 12.86
C ALA A 222 -17.30 6.71 12.44
N ASP A 223 -16.54 6.24 11.45
CA ASP A 223 -15.37 6.96 10.91
C ASP A 223 -15.68 7.83 9.69
N LEU A 224 -16.96 8.08 9.41
CA LEU A 224 -17.33 8.89 8.24
C LEU A 224 -16.96 10.36 8.43
N MET A 225 -17.20 10.92 9.63
CA MET A 225 -16.76 12.28 9.92
C MET A 225 -15.23 12.42 9.83
N PRO A 226 -14.49 11.50 10.49
CA PRO A 226 -13.04 11.56 10.31
C PRO A 226 -12.60 11.51 8.85
N THR A 227 -13.32 10.75 8.02
CA THR A 227 -13.02 10.71 6.59
C THR A 227 -13.26 12.07 5.93
N ARG A 228 -14.38 12.72 6.24
CA ARG A 228 -14.61 14.06 5.66
C ARG A 228 -13.50 15.02 6.09
N SER A 229 -13.18 14.99 7.38
CA SER A 229 -12.12 15.83 7.92
C SER A 229 -10.78 15.59 7.23
N ALA A 230 -10.43 14.32 7.00
CA ALA A 230 -9.21 13.99 6.28
C ALA A 230 -9.23 14.48 4.82
N CYS A 231 -10.37 14.31 4.15
CA CYS A 231 -10.53 14.74 2.77
C CYS A 231 -10.35 16.25 2.65
N ILE A 232 -11.03 16.98 3.52
CA ILE A 232 -10.86 18.42 3.58
C ILE A 232 -9.37 18.75 3.79
N ALA A 233 -8.72 18.09 4.74
CA ALA A 233 -7.33 18.42 5.05
C ALA A 233 -6.41 18.20 3.85
N ILE A 234 -6.52 17.04 3.20
CA ILE A 234 -5.67 16.73 2.05
C ILE A 234 -5.96 17.65 0.87
N PHE A 235 -7.24 17.88 0.56
CA PHE A 235 -7.57 18.70 -0.58
C PHE A 235 -7.09 20.13 -0.38
N GLU A 236 -7.25 20.63 0.83
CA GLU A 236 -6.82 22.01 1.13
C GLU A 236 -5.30 22.13 1.18
N ALA A 237 -4.61 21.12 1.72
CA ALA A 237 -3.15 21.16 1.81
C ALA A 237 -2.51 21.16 0.43
N ARG A 238 -3.05 20.34 -0.47
CA ARG A 238 -2.48 20.20 -1.80
C ARG A 238 -2.83 21.38 -2.70
N ALA A 239 -3.97 22.02 -2.42
CA ALA A 239 -4.35 23.24 -3.12
C ALA A 239 -4.35 23.10 -4.64
N GLN A 240 -4.80 21.94 -5.12
CA GLN A 240 -4.93 21.69 -6.54
C GLN A 240 -6.42 21.85 -6.84
N HIS A 241 -7.10 20.77 -7.23
CA HIS A 241 -8.56 20.81 -7.44
C HIS A 241 -9.32 20.80 -6.11
N PRO A 242 -10.49 21.45 -6.04
CA PRO A 242 -11.16 21.62 -4.75
C PRO A 242 -12.04 20.46 -4.31
N TRP A 243 -12.31 20.37 -3.01
CA TRP A 243 -13.30 19.44 -2.46
C TRP A 243 -14.71 20.07 -2.55
N PRO A 244 -15.77 19.32 -2.89
CA PRO A 244 -15.75 17.91 -3.23
C PRO A 244 -15.52 17.70 -4.73
N PRO A 245 -14.80 16.63 -5.09
CA PRO A 245 -14.44 16.44 -6.48
C PRO A 245 -15.54 15.74 -7.28
N ARG A 246 -15.34 15.71 -8.60
CA ARG A 246 -16.17 14.93 -9.49
C ARG A 246 -15.35 13.77 -10.05
N VAL A 247 -15.90 12.58 -9.96
CA VAL A 247 -15.21 11.38 -10.36
C VAL A 247 -15.41 11.13 -11.85
N ALA A 248 -14.52 11.71 -12.62
CA ALA A 248 -14.54 11.60 -14.08
C ALA A 248 -13.72 10.39 -14.50
N THR A 249 -14.00 9.84 -15.68
CA THR A 249 -13.19 8.75 -16.19
C THR A 249 -12.66 9.09 -17.58
N LEU A 250 -11.46 8.62 -17.88
CA LEU A 250 -10.74 8.97 -19.11
C LEU A 250 -10.92 7.90 -20.19
N PRO A 251 -10.64 8.24 -21.46
CA PRO A 251 -11.08 7.33 -22.52
C PRO A 251 -10.55 5.88 -22.48
N HIS A 252 -9.36 5.66 -21.93
CA HIS A 252 -8.80 4.31 -21.84
C HIS A 252 -9.09 3.61 -20.53
N TRP A 253 -9.81 4.26 -19.63
CA TRP A 253 -10.15 3.67 -18.34
C TRP A 253 -11.09 2.43 -18.36
N PRO A 254 -11.95 2.27 -19.39
CA PRO A 254 -12.76 1.06 -19.28
C PRO A 254 -11.95 -0.23 -19.17
N LEU A 255 -10.94 -0.37 -19.99
CA LEU A 255 -10.15 -1.59 -19.94
C LEU A 255 -9.14 -1.56 -18.78
N ILE A 256 -8.57 -0.40 -18.48
CA ILE A 256 -7.67 -0.32 -17.33
C ILE A 256 -8.42 -0.75 -16.04
N TYR A 257 -9.62 -0.23 -15.86
CA TYR A 257 -10.47 -0.59 -14.73
C TYR A 257 -10.74 -2.09 -14.72
N ALA A 258 -11.14 -2.64 -15.87
CA ALA A 258 -11.41 -4.08 -15.95
C ALA A 258 -10.18 -4.87 -15.55
N GLY A 259 -9.01 -4.44 -15.99
CA GLY A 259 -7.76 -5.14 -15.61
C GLY A 259 -7.52 -5.14 -14.11
N ALA A 260 -7.91 -4.07 -13.43
CA ALA A 260 -7.77 -3.95 -11.98
C ALA A 260 -8.72 -4.86 -11.19
N LEU A 261 -9.76 -5.38 -11.84
CA LEU A 261 -10.68 -6.34 -11.21
C LEU A 261 -10.16 -7.76 -11.16
N GLU A 262 -9.03 -8.04 -11.80
CA GLU A 262 -8.44 -9.39 -11.83
C GLU A 262 -8.36 -9.99 -10.42
N GLY A 263 -8.94 -11.18 -10.26
CA GLY A 263 -8.91 -11.92 -8.99
C GLY A 263 -9.89 -11.50 -7.91
N LEU A 264 -10.85 -10.64 -8.26
CA LEU A 264 -11.84 -10.10 -7.30
C LEU A 264 -13.27 -10.52 -7.62
N ASP A 265 -13.45 -11.75 -8.10
CA ASP A 265 -14.75 -12.20 -8.64
C ASP A 265 -15.81 -12.43 -7.56
N HIS A 266 -15.33 -12.67 -6.33
CA HIS A 266 -16.15 -13.03 -5.19
C HIS A 266 -16.57 -11.80 -4.37
N LEU A 267 -16.27 -10.60 -4.88
CA LEU A 267 -16.66 -9.38 -4.19
C LEU A 267 -17.74 -8.65 -4.96
N GLU A 268 -18.59 -7.96 -4.22
CA GLU A 268 -19.61 -7.09 -4.81
C GLU A 268 -18.93 -5.77 -5.15
N LEU A 269 -18.38 -5.71 -6.35
CA LEU A 269 -17.72 -4.51 -6.88
C LEU A 269 -18.42 -4.12 -8.16
N ALA A 270 -18.32 -2.85 -8.52
CA ALA A 270 -18.77 -2.46 -9.86
C ALA A 270 -17.93 -3.19 -10.89
N ARG A 271 -18.56 -3.73 -11.91
CA ARG A 271 -17.88 -4.50 -12.93
C ARG A 271 -17.51 -3.70 -14.19
N THR A 272 -17.94 -2.42 -14.27
CA THR A 272 -17.51 -1.54 -15.33
C THR A 272 -17.05 -0.21 -14.74
N VAL A 273 -16.23 0.51 -15.48
CA VAL A 273 -15.72 1.76 -14.96
C VAL A 273 -16.84 2.79 -14.74
N ASP A 274 -17.88 2.78 -15.58
CA ASP A 274 -18.98 3.73 -15.36
C ASP A 274 -19.68 3.48 -14.03
N ALA A 275 -19.96 2.21 -13.74
CA ALA A 275 -20.63 1.86 -12.48
C ALA A 275 -19.69 2.17 -11.29
N ALA A 276 -18.40 2.01 -11.51
CA ALA A 276 -17.40 2.30 -10.46
C ALA A 276 -17.41 3.79 -10.15
N ALA A 277 -17.37 4.62 -11.20
CA ALA A 277 -17.39 6.06 -11.03
C ALA A 277 -18.65 6.53 -10.31
N GLN A 278 -19.80 5.93 -10.66
CA GLN A 278 -21.05 6.22 -9.96
C GLN A 278 -21.00 5.83 -8.48
N ALA A 279 -20.44 4.67 -8.18
CA ALA A 279 -20.34 4.23 -6.81
C ALA A 279 -19.45 5.15 -5.98
N VAL A 280 -18.31 5.50 -6.56
CA VAL A 280 -17.35 6.36 -5.84
C VAL A 280 -17.92 7.78 -5.71
N GLN A 281 -18.64 8.28 -6.71
CA GLN A 281 -19.29 9.58 -6.56
C GLN A 281 -20.33 9.55 -5.42
N ARG A 282 -21.08 8.45 -5.31
CA ARG A 282 -22.05 8.31 -4.23
C ARG A 282 -21.35 8.35 -2.88
N PHE A 283 -20.17 7.74 -2.82
CA PHE A 283 -19.36 7.75 -1.61
C PHE A 283 -18.86 9.16 -1.27
N VAL A 284 -18.37 9.89 -2.25
CA VAL A 284 -18.00 11.29 -2.06
C VAL A 284 -19.16 12.08 -1.46
N ALA A 285 -20.36 11.90 -2.01
CA ALA A 285 -21.50 12.66 -1.50
C ALA A 285 -21.82 12.29 -0.04
N ARG A 286 -21.66 11.02 0.30
CA ARG A 286 -21.92 10.50 1.63
C ARG A 286 -20.91 11.05 2.64
N ILE A 287 -19.64 11.05 2.24
CA ILE A 287 -18.57 11.69 3.01
C ILE A 287 -18.86 13.18 3.23
N ASP A 288 -19.22 13.87 2.15
CA ASP A 288 -19.41 15.32 2.24
C ASP A 288 -20.54 15.69 3.20
N ARG A 289 -21.53 14.82 3.35
CA ARG A 289 -22.62 15.07 4.31
C ARG A 289 -22.19 14.93 5.78
N ALA A 290 -21.14 14.15 6.04
CA ALA A 290 -20.71 13.86 7.41
C ALA A 290 -19.96 15.01 8.07
N THR A 291 -20.67 16.12 8.31
CA THR A 291 -20.08 17.30 8.93
C THR A 291 -20.15 17.21 10.45
N LYS A 292 -19.46 18.11 11.15
CA LYS A 292 -19.38 18.10 12.62
C LYS A 292 -20.49 18.92 13.27
S SO4 B . 23.62 -14.29 -4.86
O1 SO4 B . 24.30 -14.11 -3.56
O2 SO4 B . 22.34 -15.00 -4.69
O3 SO4 B . 24.48 -15.10 -5.74
O4 SO4 B . 23.34 -12.97 -5.48
S SO4 C . -16.30 22.93 4.98
O1 SO4 C . -17.37 23.38 5.91
O2 SO4 C . -15.50 21.88 5.66
O3 SO4 C . -15.43 24.09 4.66
O4 SO4 C . -16.92 22.40 3.75
S SO4 D . 6.34 14.30 14.78
O1 SO4 D . 6.65 15.68 14.34
O2 SO4 D . 5.30 14.35 15.82
O3 SO4 D . 7.58 13.68 15.34
O4 SO4 D . 5.86 13.51 13.62
#